data_1E9W
# 
_entry.id   1E9W 
# 
_audit_conform.dict_name       mmcif_pdbx.dic 
_audit_conform.dict_version    5.391 
_audit_conform.dict_location   http://mmcif.pdb.org/dictionaries/ascii/mmcif_pdbx.dic 
# 
loop_
_database_2.database_id 
_database_2.database_code 
_database_2.pdbx_database_accession 
_database_2.pdbx_DOI 
PDB   1E9W         pdb_00001e9w 10.2210/pdb1e9w/pdb 
PDBE  EBI-5497     ?            ?                   
WWPDB D_1290005497 ?            ?                   
# 
loop_
_pdbx_audit_revision_history.ordinal 
_pdbx_audit_revision_history.data_content_type 
_pdbx_audit_revision_history.major_revision 
_pdbx_audit_revision_history.minor_revision 
_pdbx_audit_revision_history.revision_date 
1 'Structure model' 1 0 2001-03-23 
2 'Structure model' 1 1 2011-07-13 
3 'Structure model' 1 2 2012-11-30 
4 'Structure model' 2 0 2019-04-24 
5 'Structure model' 2 1 2019-05-22 
6 'Structure model' 2 2 2024-05-01 
# 
_pdbx_audit_revision_details.ordinal             1 
_pdbx_audit_revision_details.revision_ordinal    1 
_pdbx_audit_revision_details.data_content_type   'Structure model' 
_pdbx_audit_revision_details.provider            repository 
_pdbx_audit_revision_details.type                'Initial release' 
_pdbx_audit_revision_details.description         ? 
_pdbx_audit_revision_details.details             ? 
# 
loop_
_pdbx_audit_revision_group.ordinal 
_pdbx_audit_revision_group.revision_ordinal 
_pdbx_audit_revision_group.data_content_type 
_pdbx_audit_revision_group.group 
1  2 'Structure model' 'Atomic model'              
2  2 'Structure model' 'Database references'       
3  2 'Structure model' 'Derived calculations'      
4  2 'Structure model' 'Structure summary'         
5  2 'Structure model' 'Version format compliance' 
6  3 'Structure model' Other                       
7  4 'Structure model' 'Data collection'           
8  4 'Structure model' 'Derived calculations'      
9  4 'Structure model' Other                       
10 4 'Structure model' 'Polymer sequence'          
11 5 'Structure model' 'Data collection'           
12 5 'Structure model' 'Refinement description'    
13 6 'Structure model' 'Data collection'           
14 6 'Structure model' 'Database references'       
15 6 'Structure model' 'Derived calculations'      
16 6 'Structure model' Other                       
17 6 'Structure model' 'Refinement description'    
# 
loop_
_pdbx_audit_revision_category.ordinal 
_pdbx_audit_revision_category.revision_ordinal 
_pdbx_audit_revision_category.data_content_type 
_pdbx_audit_revision_category.category 
1  4 'Structure model' database_PDB_rev              
2  4 'Structure model' database_PDB_rev_record       
3  4 'Structure model' entity_poly                   
4  4 'Structure model' pdbx_database_proc            
5  4 'Structure model' pdbx_database_status          
6  4 'Structure model' pdbx_seq_map_depositor_info   
7  4 'Structure model' struct_conn                   
8  5 'Structure model' refine                        
9  6 'Structure model' chem_comp_atom                
10 6 'Structure model' chem_comp_bond                
11 6 'Structure model' database_2                    
12 6 'Structure model' pdbx_database_status          
13 6 'Structure model' pdbx_initial_refinement_model 
14 6 'Structure model' struct_conn                   
15 6 'Structure model' struct_site                   
# 
loop_
_pdbx_audit_revision_item.ordinal 
_pdbx_audit_revision_item.revision_ordinal 
_pdbx_audit_revision_item.data_content_type 
_pdbx_audit_revision_item.item 
1  4 'Structure model' '_entity_poly.pdbx_seq_one_letter_code_can'    
2  4 'Structure model' '_pdbx_database_status.recvd_author_approval'  
3  4 'Structure model' '_pdbx_seq_map_depositor_info.one_letter_code' 
4  4 'Structure model' '_struct_conn.pdbx_leaving_atom_flag'          
5  5 'Structure model' '_refine.pdbx_ls_cross_valid_method'           
6  6 'Structure model' '_database_2.pdbx_DOI'                         
7  6 'Structure model' '_database_2.pdbx_database_accession'          
8  6 'Structure model' '_pdbx_database_status.status_code_sf'         
9  6 'Structure model' '_struct_conn.pdbx_dist_value'                 
10 6 'Structure model' '_struct_conn.pdbx_leaving_atom_flag'          
11 6 'Structure model' '_struct_conn.ptnr1_label_atom_id'             
12 6 'Structure model' '_struct_conn.ptnr2_auth_comp_id'              
13 6 'Structure model' '_struct_conn.ptnr2_auth_seq_id'               
14 6 'Structure model' '_struct_conn.ptnr2_label_atom_id'             
15 6 'Structure model' '_struct_conn.ptnr2_label_comp_id'             
16 6 'Structure model' '_struct_conn.ptnr2_label_seq_id'              
17 6 'Structure model' '_struct_site.pdbx_auth_asym_id'               
18 6 'Structure model' '_struct_site.pdbx_auth_comp_id'               
19 6 'Structure model' '_struct_site.pdbx_auth_seq_id'                
# 
_pdbx_database_status.status_code                     REL 
_pdbx_database_status.entry_id                        1E9W 
_pdbx_database_status.deposit_site                    PDBE 
_pdbx_database_status.process_site                    PDBE 
_pdbx_database_status.SG_entry                        . 
_pdbx_database_status.recvd_initial_deposition_date   2000-10-27 
_pdbx_database_status.pdb_format_compatible           Y 
_pdbx_database_status.status_code_sf                  REL 
_pdbx_database_status.status_code_mr                  ? 
_pdbx_database_status.status_code_cs                  ? 
_pdbx_database_status.methods_development_category    ? 
_pdbx_database_status.status_code_nmr_data            ? 
# 
loop_
_pdbx_database_related.db_name 
_pdbx_database_related.db_id 
_pdbx_database_related.content_type 
_pdbx_database_related.details 
PDB 1D8T unspecified 'CRYSTAL STRUCTURE OF THE ELONGATION FACTOR EF-TU-MGGDP COMPLEXED WITH THE THIOPEPTIDE GE2270A.'         
PDB 1OLN unspecified 'SOLUTION STRUCTURE OF THIOPEPTIDE THIOSTREPTON BINDING TO L11 SUBSTRATE FROM 50S RIBOSOMAL RNA'         
PDB 2C77 unspecified 'CRYSTAL STRUCTURE OF THE ELONGATION FACTOR EF-TU-GNP COMPLEXED WITH THIOPEPTIDE GE2270A.'               
PDB 2JQ7 unspecified 'SOLUTION STRUCTURE OF THE COMPLEX OF THE THIOPEPTIDE THIOSTREPTON AND RIBOSOMAL L11-RNA'                
PDB 2ZJP unspecified 'CRYSTAL STRUCTURE OF NOSIHEPTIDE COMPLEXED WITH THE LARGE RIBOSOMAL SUBUNIT OF DEINOCOCCUS RADIODURANS' 
PDB 3CF5 unspecified 'CRYSTAL STRUCTURE OF RIBOSOMAL L11-RNA COMPLEXED WITH THE THIOPEPTIDE THIOSTREPTON'                     
# 
loop_
_audit_author.name 
_audit_author.pdbx_ordinal 
'Bond, C.S.'   1 
'Shaw, M.P.'   2 
'Alphey, M.S.' 3 
'Hunter, W.N.' 4 
# 
_citation.id                        primary 
_citation.title                     
'Structure of the Macrocycle Thiostrepton Solved Using the Anomalous Dispersive Contribution from Sulfur' 
_citation.journal_abbrev            'Acta Crystallogr.,Sect.D' 
_citation.journal_volume            57 
_citation.page_first                755 
_citation.page_last                 ? 
_citation.year                      2001 
_citation.journal_id_ASTM           ABCRE6 
_citation.country                   DK 
_citation.journal_id_ISSN           0907-4449 
_citation.journal_id_CSD            0766 
_citation.book_publisher            ? 
_citation.pdbx_database_id_PubMed   11320328 
_citation.pdbx_database_id_DOI      10.1107/S0907444901003134 
# 
loop_
_citation_author.citation_id 
_citation_author.name 
_citation_author.ordinal 
_citation_author.identifier_ORCID 
primary 'Bond, C.S.'   1 ? 
primary 'Shaw, M.P.'   2 ? 
primary 'Alphey, M.S.' 3 ? 
primary 'Hunter, W.N.' 4 ? 
# 
loop_
_entity.id 
_entity.type 
_entity.src_method 
_entity.pdbx_description 
_entity.formula_weight 
_entity.pdbx_number_of_molecules 
_entity.pdbx_ec 
_entity.pdbx_mutation 
_entity.pdbx_fragment 
_entity.details 
1 polymer nat THIOSTREPTON 1805.985 1 ? ? ? ? 
2 water   nat water        18.015   4 ? ? ? ? 
# 
_entity_name_com.entity_id   1 
_entity_name_com.name        'ALANINAMIDE, BRYAMYCIN, THIACTIN' 
# 
_entity_poly.entity_id                      1 
_entity_poly.type                           'polypeptide(L)' 
_entity_poly.nstd_linkage                   no 
_entity_poly.nstd_monomer                   yes 
_entity_poly.pdbx_seq_one_letter_code       '(QUA)IA(DHA)AS(BB9)T(DBU)(DCY)(TS9)(BB9)T(BB9)(MH6)(BB9)(DHA)(DHA)(NH2)' 
_entity_poly.pdbx_seq_one_letter_code_can   XIASASCTTCICTCSCSSX 
_entity_poly.pdbx_strand_id                 A 
_entity_poly.pdbx_target_identifier         ? 
# 
_pdbx_entity_nonpoly.entity_id   2 
_pdbx_entity_nonpoly.name        water 
_pdbx_entity_nonpoly.comp_id     HOH 
# 
loop_
_entity_poly_seq.entity_id 
_entity_poly_seq.num 
_entity_poly_seq.mon_id 
_entity_poly_seq.hetero 
1 1  QUA n 
1 2  ILE n 
1 3  ALA n 
1 4  DHA n 
1 5  ALA n 
1 6  SER n 
1 7  BB9 n 
1 8  THR n 
1 9  DBU n 
1 10 DCY n 
1 11 TS9 n 
1 12 BB9 n 
1 13 THR n 
1 14 BB9 n 
1 15 MH6 n 
1 16 BB9 n 
1 17 DHA n 
1 18 DHA n 
1 19 NH2 n 
# 
_entity_src_nat.entity_id                  1 
_entity_src_nat.pdbx_src_id                1 
_entity_src_nat.pdbx_alt_source_flag       sample 
_entity_src_nat.pdbx_beg_seq_num           ? 
_entity_src_nat.pdbx_end_seq_num           ? 
_entity_src_nat.common_name                ? 
_entity_src_nat.pdbx_organism_scientific   'STREPTOMYCES AZUREUS' 
_entity_src_nat.pdbx_ncbi_taxonomy_id      146537 
_entity_src_nat.genus                      ? 
_entity_src_nat.species                    ? 
_entity_src_nat.strain                     ? 
_entity_src_nat.tissue                     ? 
_entity_src_nat.tissue_fraction            ? 
_entity_src_nat.pdbx_secretion             ? 
_entity_src_nat.pdbx_fragment              ? 
_entity_src_nat.pdbx_variant               ? 
_entity_src_nat.pdbx_cell_line             ? 
_entity_src_nat.pdbx_atcc                  ? 
_entity_src_nat.pdbx_cellular_location     ? 
_entity_src_nat.pdbx_organ                 ? 
_entity_src_nat.pdbx_organelle             ? 
_entity_src_nat.pdbx_cell                  ? 
_entity_src_nat.pdbx_plasmid_name          ? 
_entity_src_nat.pdbx_plasmid_details       ? 
_entity_src_nat.details                    CALBIOCHEM 
# 
loop_
_chem_comp.id 
_chem_comp.type 
_chem_comp.mon_nstd_flag 
_chem_comp.name 
_chem_comp.pdbx_synonyms 
_chem_comp.formula 
_chem_comp.formula_weight 
ALA 'L-peptide linking' y ALANINE                                                   ?                    'C3 H7 N O2'   89.093  
BB9 'peptide linking'   n '(2Z)-2-amino-3-sulfanylprop-2-enoic acid'                ?                    'C3 H5 N O2 S' 119.142 
DBU 'peptide linking'   n '(2Z)-2-AMINOBUT-2-ENOIC ACID'                            Z-DEHYDROBUTYRINE    'C4 H7 N O2'   101.104 
DCY 'D-peptide linking' . D-CYSTEINE                                                ?                    'C3 H7 N O2 S' 121.158 
DHA 'peptide linking'   n '2-AMINO-ACRYLIC ACID'                                    2,3-DIDEHYDROALANINE 'C3 H5 N O2'   87.077  
HOH non-polymer         . WATER                                                     ?                    'H2 O'         18.015  
ILE 'L-peptide linking' y ISOLEUCINE                                                ?                    'C6 H13 N O2'  131.173 
MH6 'peptide linking'   n '3-hydroxy-2-iminopropanoic acid'                         ?                    'C3 H5 N O3'   103.077 
NH2 non-polymer         . 'AMINO GROUP'                                             ?                    'H2 N'         16.023  
QUA non-polymer         . '8-HYDROXY-4-(1-HYDROXYETHYL)QUINOLINE-2-CARBOXYLIC ACID' ?                    'C12 H13 N O4' 235.236 
SER 'L-peptide linking' y SERINE                                                    ?                    'C3 H7 N O3'   105.093 
THR 'L-peptide linking' y THREONINE                                                 ?                    'C4 H9 N O3'   119.119 
TS9 'L-peptide linking' n '(2S,3S,4R)-2-amino-3,4-dihydroxy-3-methylpentanoic acid' ?                    'C6 H13 N O4'  163.172 
# 
loop_
_pdbx_poly_seq_scheme.asym_id 
_pdbx_poly_seq_scheme.entity_id 
_pdbx_poly_seq_scheme.seq_id 
_pdbx_poly_seq_scheme.mon_id 
_pdbx_poly_seq_scheme.ndb_seq_num 
_pdbx_poly_seq_scheme.pdb_seq_num 
_pdbx_poly_seq_scheme.auth_seq_num 
_pdbx_poly_seq_scheme.pdb_mon_id 
_pdbx_poly_seq_scheme.auth_mon_id 
_pdbx_poly_seq_scheme.pdb_strand_id 
_pdbx_poly_seq_scheme.pdb_ins_code 
_pdbx_poly_seq_scheme.hetero 
A 1 1  QUA 1  0  0  QUA QUA A . n 
A 1 2  ILE 2  1  1  ILE ILE A . n 
A 1 3  ALA 3  2  2  ALA ALA A . n 
A 1 4  DHA 4  3  3  DHA DHA A . n 
A 1 5  ALA 5  4  4  ALA ALA A . n 
A 1 6  SER 6  5  5  SER SER A . n 
A 1 7  BB9 7  6  6  BB9 BB9 A . n 
A 1 8  THR 8  7  7  THR THR A . n 
A 1 9  DBU 9  8  8  DBU DBU A . n 
A 1 10 DCY 10 9  9  DCY DCY A . n 
A 1 11 TS9 11 10 10 TS9 TS9 A . n 
A 1 12 BB9 12 11 11 BB9 BB9 A . n 
A 1 13 THR 13 12 12 THR THR A . n 
A 1 14 BB9 14 13 13 BB9 BB9 A . n 
A 1 15 MH6 15 14 14 MH6 MH6 A . n 
A 1 16 BB9 16 15 15 BB9 BB9 A . n 
A 1 17 DHA 17 16 16 DHA DHA A . n 
A 1 18 DHA 18 17 17 DHA DHA A . n 
A 1 19 NH2 19 18 18 NH2 NH2 A . n 
# 
loop_
_pdbx_nonpoly_scheme.asym_id 
_pdbx_nonpoly_scheme.entity_id 
_pdbx_nonpoly_scheme.mon_id 
_pdbx_nonpoly_scheme.ndb_seq_num 
_pdbx_nonpoly_scheme.pdb_seq_num 
_pdbx_nonpoly_scheme.auth_seq_num 
_pdbx_nonpoly_scheme.pdb_mon_id 
_pdbx_nonpoly_scheme.auth_mon_id 
_pdbx_nonpoly_scheme.pdb_strand_id 
_pdbx_nonpoly_scheme.pdb_ins_code 
B 2 HOH 1 2001 2001 HOH HOH A . 
B 2 HOH 2 2002 2002 HOH HOH A . 
B 2 HOH 3 2003 2003 HOH HOH A . 
B 2 HOH 4 2004 2004 HOH HOH A . 
# 
loop_
_software.name 
_software.classification 
_software.version 
_software.citation_id 
_software.pdbx_ordinal 
SHELXL-97 refinement       . ? 1 
DENZO     'data reduction' . ? 2 
SCALEPACK 'data scaling'   . ? 3 
SHELX     phasing          . ? 4 
# 
_cell.entry_id           1E9W 
_cell.length_a           26.577 
_cell.length_b           26.577 
_cell.length_c           27.436 
_cell.angle_alpha        90.00 
_cell.angle_beta         90.00 
_cell.angle_gamma        90.00 
_cell.Z_PDB              8 
_cell.pdbx_unique_axis   ? 
# 
_symmetry.entry_id                         1E9W 
_symmetry.space_group_name_H-M             'P 43 21 2' 
_symmetry.pdbx_full_space_group_name_H-M   ? 
_symmetry.cell_setting                     ? 
_symmetry.Int_Tables_number                96 
# 
_exptl.entry_id          1E9W 
_exptl.method            'X-RAY DIFFRACTION' 
_exptl.crystals_number   1 
# 
_exptl_crystal.id                    1 
_exptl_crystal.density_meas          ? 
_exptl_crystal.density_Matthews      1.46 
_exptl_crystal.density_percent_sol   14.8 
_exptl_crystal.description           ? 
# 
_exptl_crystal_grow.crystal_id      1 
_exptl_crystal_grow.method          ? 
_exptl_crystal_grow.temp            ? 
_exptl_crystal_grow.temp_details    ? 
_exptl_crystal_grow.pH              7.00 
_exptl_crystal_grow.pdbx_pH_range   ? 
_exptl_crystal_grow.pdbx_details    
'1ML 15.38MG/ML THIOSTREPTON IN CHLOROFORM_ISOAMYL ALCOHOL + 100 MICROL GLYCEROL + 200 MICROL ETHANOL. BATCH METHOD, pH 7.00' 
# 
_diffrn.id                     1 
_diffrn.ambient_temp           100.0 
_diffrn.ambient_temp_details   ? 
_diffrn.crystal_id             1 
# 
_diffrn_detector.diffrn_id              1 
_diffrn_detector.detector               CCD 
_diffrn_detector.type                   MARRESEARCH 
_diffrn_detector.pdbx_collection_date   ? 
_diffrn_detector.details                ? 
# 
_diffrn_radiation.diffrn_id                        1 
_diffrn_radiation.wavelength_id                    1 
_diffrn_radiation.pdbx_monochromatic_or_laue_m_l   M 
_diffrn_radiation.monochromator                    ? 
_diffrn_radiation.pdbx_diffrn_protocol             'SINGLE WAVELENGTH' 
_diffrn_radiation.pdbx_scattering_type             x-ray 
# 
_diffrn_radiation_wavelength.id           1 
_diffrn_radiation_wavelength.wavelength   0.73 
_diffrn_radiation_wavelength.wt           1.0 
# 
_diffrn_source.diffrn_id                   1 
_diffrn_source.source                      SYNCHROTRON 
_diffrn_source.type                        'ESRF BEAMLINE BM14' 
_diffrn_source.pdbx_synchrotron_site       ESRF 
_diffrn_source.pdbx_synchrotron_beamline   BM14 
_diffrn_source.pdbx_wavelength             0.73 
_diffrn_source.pdbx_wavelength_list        ? 
# 
_reflns.pdbx_diffrn_id               1 
_reflns.pdbx_ordinal                 1 
_reflns.entry_id                     1E9W 
_reflns.observed_criterion_sigma_I   ? 
_reflns.observed_criterion_sigma_F   ? 
_reflns.d_resolution_low             50.000 
_reflns.d_resolution_high            1.020 
_reflns.number_obs                   5232 
_reflns.number_all                   ? 
_reflns.percent_possible_obs         96.7 
_reflns.pdbx_Rmerge_I_obs            0.03300 
_reflns.pdbx_Rsym_value              ? 
_reflns.pdbx_netI_over_sigmaI        33.8000 
_reflns.B_iso_Wilson_estimate        ? 
_reflns.pdbx_redundancy              4.300 
# 
_reflns_shell.pdbx_diffrn_id         1 
_reflns_shell.pdbx_ordinal           1 
_reflns_shell.d_res_high             1.02 
_reflns_shell.d_res_low              1.04 
_reflns_shell.percent_possible_all   74.6 
_reflns_shell.Rmerge_I_obs           0.15200 
_reflns_shell.pdbx_Rsym_value        ? 
_reflns_shell.meanI_over_sigI_obs    5.400 
_reflns_shell.pdbx_redundancy        ? 
# 
_refine.pdbx_refine_id                           'X-RAY DIFFRACTION' 
_refine.entry_id                                 1E9W 
_refine.pdbx_diffrn_id                           1 
_refine.pdbx_TLS_residual_ADP_flag               ? 
_refine.ls_number_reflns_obs                     ? 
_refine.ls_number_reflns_all                     8391 
_refine.pdbx_ls_sigma_I                          ? 
_refine.pdbx_ls_sigma_F                          0.0 
_refine.pdbx_data_cutoff_high_absF               ? 
_refine.pdbx_data_cutoff_low_absF                ? 
_refine.pdbx_data_cutoff_high_rms_absF           ? 
_refine.ls_d_res_low                             50.00 
_refine.ls_d_res_high                            1.02 
_refine.ls_percent_reflns_obs                    96.7 
_refine.ls_R_factor_obs                          0.1124 
_refine.ls_R_factor_all                          0.1122 
_refine.ls_R_factor_R_work                       ? 
_refine.ls_R_factor_R_free                       0.1423 
_refine.ls_R_factor_R_free_error                 ? 
_refine.ls_R_factor_R_free_error_details         ? 
_refine.ls_percent_reflns_R_free                 9.8 
_refine.ls_number_reflns_R_free                  825 
_refine.ls_number_parameters                     1057 
_refine.ls_number_restraints                     1023 
_refine.occupancy_min                            ? 
_refine.occupancy_max                            ? 
_refine.correlation_coeff_Fo_to_Fc               ? 
_refine.correlation_coeff_Fo_to_Fc_free          ? 
_refine.B_iso_mean                               ? 
_refine.aniso_B[1][1]                            ? 
_refine.aniso_B[2][2]                            ? 
_refine.aniso_B[3][3]                            ? 
_refine.aniso_B[1][2]                            ? 
_refine.aniso_B[1][3]                            ? 
_refine.aniso_B[2][3]                            ? 
_refine.solvent_model_details                    'MOEWS & KRETSINGER, J.MOL.BIOL.91(1973)201-2' 
_refine.solvent_model_param_ksol                 ? 
_refine.solvent_model_param_bsol                 ? 
_refine.pdbx_solvent_vdw_probe_radii             ? 
_refine.pdbx_solvent_ion_probe_radii             ? 
_refine.pdbx_solvent_shrinkage_radii             ? 
_refine.pdbx_ls_cross_valid_method               'FREE R-VALUE' 
_refine.details                                  ? 
_refine.pdbx_starting_model                      'SEE REFERENCE' 
_refine.pdbx_method_to_determine_struct          'MOLECULAR REPLACEMENT' 
_refine.pdbx_isotropic_thermal_model             ? 
_refine.pdbx_stereochemistry_target_values       'ENGH AND HUBER' 
_refine.pdbx_stereochem_target_val_spec_case     'RESIDUE 16 RESTRAINED USING GEOMETRY DERIVED FROM CSD (SEE REFERENCE)' 
_refine.pdbx_R_Free_selection_details            RANDOM 
_refine.pdbx_overall_ESU_R                       ? 
_refine.pdbx_overall_ESU_R_Free                  ? 
_refine.overall_SU_ML                            ? 
_refine.pdbx_overall_phase_error                 ? 
_refine.overall_SU_B                             ? 
_refine.overall_SU_R_Cruickshank_DPI             ? 
_refine.pdbx_overall_SU_R_free_Cruickshank_DPI   ? 
_refine.pdbx_overall_SU_R_Blow_DPI               ? 
_refine.pdbx_overall_SU_R_free_Blow_DPI          ? 
# 
_refine_analyze.pdbx_refine_id                  'X-RAY DIFFRACTION' 
_refine_analyze.entry_id                        1E9W 
_refine_analyze.Luzzati_coordinate_error_obs    ? 
_refine_analyze.Luzzati_sigma_a_obs             ? 
_refine_analyze.Luzzati_d_res_low_obs           ? 
_refine_analyze.Luzzati_coordinate_error_free   ? 
_refine_analyze.Luzzati_sigma_a_free            ? 
_refine_analyze.Luzzati_d_res_low_free          ? 
_refine_analyze.number_disordered_residues      0 
_refine_analyze.occupancy_sum_hydrogen          0.00 
_refine_analyze.occupancy_sum_non_hydrogen      115.33 
# 
_refine_hist.pdbx_refine_id                   'X-RAY DIFFRACTION' 
_refine_hist.cycle_id                         LAST 
_refine_hist.pdbx_number_atoms_protein        114 
_refine_hist.pdbx_number_atoms_nucleic_acid   0 
_refine_hist.pdbx_number_atoms_ligand         0 
_refine_hist.number_atoms_solvent             4 
_refine_hist.number_atoms_total               118 
_refine_hist.d_res_high                       1.02 
_refine_hist.d_res_low                        50.00 
# 
loop_
_refine_ls_restr.type 
_refine_ls_restr.dev_ideal 
_refine_ls_restr.dev_ideal_target 
_refine_ls_restr.weight 
_refine_ls_restr.number 
_refine_ls_restr.pdbx_refine_id 
_refine_ls_restr.pdbx_restraint_function 
s_bond_d               0.019  ? ? ? 'X-RAY DIFFRACTION' ? 
s_angle_d              0.047  ? ? ? 'X-RAY DIFFRACTION' ? 
s_similar_dist         0.000  ? ? ? 'X-RAY DIFFRACTION' ? 
s_from_restr_planes    0.0001 ? ? ? 'X-RAY DIFFRACTION' ? 
s_zero_chiral_vol      0.000  ? ? ? 'X-RAY DIFFRACTION' ? 
s_non_zero_chiral_vol  0.000  ? ? ? 'X-RAY DIFFRACTION' ? 
s_anti_bump_dis_restr  0.051  ? ? ? 'X-RAY DIFFRACTION' ? 
s_rigid_bond_adp_cmpnt 0.007  ? ? ? 'X-RAY DIFFRACTION' ? 
s_similar_adp_cmpnt    0.037  ? ? ? 'X-RAY DIFFRACTION' ? 
s_approx_iso_adps      0.000  ? ? ? 'X-RAY DIFFRACTION' ? 
# 
_pdbx_refine.pdbx_refine_id                              'X-RAY DIFFRACTION' 
_pdbx_refine.entry_id                                    1E9W 
_pdbx_refine.R_factor_all_no_cutoff                      0.1122 
_pdbx_refine.R_factor_obs_no_cutoff                      0.1124 
_pdbx_refine.free_R_factor_no_cutoff                     0.1423 
_pdbx_refine.free_R_error_no_cutoff                      ? 
_pdbx_refine.free_R_val_test_set_size_perc_no_cutoff     9.8 
_pdbx_refine.free_R_val_test_set_ct_no_cutoff            825 
_pdbx_refine.R_factor_all_4sig_cutoff                    0.1069 
_pdbx_refine.R_factor_obs_4sig_cutoff                    0.1071 
_pdbx_refine.free_R_factor_4sig_cutoff                   0.1362 
_pdbx_refine.free_R_val_test_set_size_perc_4sig_cutoff   9.8 
_pdbx_refine.free_R_val_test_set_ct_4sig_cutoff          755 
_pdbx_refine.number_reflns_obs_4sig_cutoff               7729 
# 
_struct.entry_id                  1E9W 
_struct.title                     
'Structure of the macrocycle thiostrepton solved using the anomalous dispersive contribution from sulfur' 
_struct.pdbx_model_details        ? 
_struct.pdbx_CASP_flag            ? 
_struct.pdbx_model_type_details   ? 
# 
_struct_keywords.entry_id        1E9W 
_struct_keywords.pdbx_keywords   ANTIBIOTIC 
_struct_keywords.text            
'ANTIBIOTIC, THIOPEPTIDE, ANTIBACTERIAL, THIAZOLE, THIAZOLINE, OXAZOLE, RIBOSOME, TRANSLATION INHIBITION' 
# 
loop_
_struct_asym.id 
_struct_asym.pdbx_blank_PDB_chainid_flag 
_struct_asym.pdbx_modified 
_struct_asym.entity_id 
_struct_asym.details 
A N N 1 ? 
B N N 2 ? 
# 
_struct_ref.id                         1 
_struct_ref.db_name                    UNP 
_struct_ref.db_code                    THCL_STRAJ 
_struct_ref.entity_id                  1 
_struct_ref.pdbx_seq_one_letter_code   ? 
_struct_ref.pdbx_align_begin           ? 
_struct_ref.pdbx_db_accession          P0C8P8 
_struct_ref.pdbx_db_isoform            ? 
# 
_struct_ref_seq.align_id                      1 
_struct_ref_seq.ref_id                        1 
_struct_ref_seq.pdbx_PDB_id_code              1E9W 
_struct_ref_seq.pdbx_strand_id                A 
_struct_ref_seq.seq_align_beg                 2 
_struct_ref_seq.pdbx_seq_align_beg_ins_code   ? 
_struct_ref_seq.seq_align_end                 18 
_struct_ref_seq.pdbx_seq_align_end_ins_code   ? 
_struct_ref_seq.pdbx_db_accession             P0C8P8 
_struct_ref_seq.db_align_beg                  1 
_struct_ref_seq.pdbx_db_align_beg_ins_code    ? 
_struct_ref_seq.db_align_end                  17 
_struct_ref_seq.pdbx_db_align_end_ins_code    ? 
_struct_ref_seq.pdbx_auth_seq_align_beg       1 
_struct_ref_seq.pdbx_auth_seq_align_end       17 
# 
_pdbx_struct_assembly.id                   1 
_pdbx_struct_assembly.details              software_defined_assembly 
_pdbx_struct_assembly.method_details       PISA 
_pdbx_struct_assembly.oligomeric_details   monomeric 
_pdbx_struct_assembly.oligomeric_count     1 
# 
_pdbx_struct_assembly_gen.assembly_id       1 
_pdbx_struct_assembly_gen.oper_expression   1 
_pdbx_struct_assembly_gen.asym_id_list      A,B 
# 
_pdbx_struct_oper_list.id                   1 
_pdbx_struct_oper_list.type                 'identity operation' 
_pdbx_struct_oper_list.name                 1_555 
_pdbx_struct_oper_list.symmetry_operation   x,y,z 
_pdbx_struct_oper_list.matrix[1][1]         1.0000000000 
_pdbx_struct_oper_list.matrix[1][2]         0.0000000000 
_pdbx_struct_oper_list.matrix[1][3]         0.0000000000 
_pdbx_struct_oper_list.vector[1]            0.0000000000 
_pdbx_struct_oper_list.matrix[2][1]         0.0000000000 
_pdbx_struct_oper_list.matrix[2][2]         1.0000000000 
_pdbx_struct_oper_list.matrix[2][3]         0.0000000000 
_pdbx_struct_oper_list.vector[2]            0.0000000000 
_pdbx_struct_oper_list.matrix[3][1]         0.0000000000 
_pdbx_struct_oper_list.matrix[3][2]         0.0000000000 
_pdbx_struct_oper_list.matrix[3][3]         1.0000000000 
_pdbx_struct_oper_list.vector[3]            0.0000000000 
# 
_struct_biol.id   1 
# 
loop_
_struct_conn.id 
_struct_conn.conn_type_id 
_struct_conn.pdbx_leaving_atom_flag 
_struct_conn.pdbx_PDB_id 
_struct_conn.ptnr1_label_asym_id 
_struct_conn.ptnr1_label_comp_id 
_struct_conn.ptnr1_label_seq_id 
_struct_conn.ptnr1_label_atom_id 
_struct_conn.pdbx_ptnr1_label_alt_id 
_struct_conn.pdbx_ptnr1_PDB_ins_code 
_struct_conn.pdbx_ptnr1_standard_comp_id 
_struct_conn.ptnr1_symmetry 
_struct_conn.ptnr2_label_asym_id 
_struct_conn.ptnr2_label_comp_id 
_struct_conn.ptnr2_label_seq_id 
_struct_conn.ptnr2_label_atom_id 
_struct_conn.pdbx_ptnr2_label_alt_id 
_struct_conn.pdbx_ptnr2_PDB_ins_code 
_struct_conn.ptnr1_auth_asym_id 
_struct_conn.ptnr1_auth_comp_id 
_struct_conn.ptnr1_auth_seq_id 
_struct_conn.ptnr2_auth_asym_id 
_struct_conn.ptnr2_auth_comp_id 
_struct_conn.ptnr2_auth_seq_id 
_struct_conn.ptnr2_symmetry 
_struct_conn.pdbx_ptnr3_label_atom_id 
_struct_conn.pdbx_ptnr3_label_seq_id 
_struct_conn.pdbx_ptnr3_label_comp_id 
_struct_conn.pdbx_ptnr3_label_asym_id 
_struct_conn.pdbx_ptnr3_label_alt_id 
_struct_conn.pdbx_ptnr3_PDB_ins_code 
_struct_conn.details 
_struct_conn.pdbx_dist_value 
_struct_conn.pdbx_value_order 
_struct_conn.pdbx_role 
covale1  covale both ? A QUA 1  C7  ? ? ? 1_555 A ILE 2  N   ? ? A QUA 0  A ILE 1  1_555 ? ? ? ? ? ? ? 1.499 ? ? 
covale2  covale one  ? A QUA 1  C11 ? ? ? 1_555 A THR 13 OG1 ? ? A QUA 0  A THR 12 1_555 ? ? ? ? ? ? ? 1.329 ? ? 
covale3  covale both ? A ALA 3  C   ? ? ? 1_555 A DHA 4  N   ? ? A ALA 2  A DHA 3  1_555 ? ? ? ? ? ? ? 1.383 ? ? 
covale4  covale both ? A DHA 4  C   ? ? ? 1_555 A ALA 5  N   ? ? A DHA 3  A ALA 4  1_555 ? ? ? ? ? ? ? 1.348 ? ? 
covale5  covale one  ? A SER 6  C   ? ? ? 1_555 A BB9 7  SG  ? ? A SER 5  A BB9 6  1_555 ? ? ? ? ? ? ? 1.752 ? ? 
covale6  covale both ? A SER 6  C   ? ? ? 1_555 A BB9 7  N   ? ? A SER 5  A BB9 6  1_555 ? ? ? ? ? ? ? 1.305 ? ? 
covale7  covale one  ? A SER 6  CA  ? ? ? 1_555 A BB9 14 C   ? ? A SER 5  A BB9 13 1_555 ? ? ? ? ? ? ? 1.575 ? ? 
covale8  covale one  ? A SER 6  CB  ? ? ? 1_555 A MH6 15 CB  ? ? A SER 5  A MH6 14 1_555 ? ? ? ? ? ? ? 1.523 ? ? 
covale9  covale both ? A BB9 7  C   ? ? ? 1_555 A THR 8  N   ? ? A BB9 6  A THR 7  1_555 ? ? ? ? ? ? ? 1.322 ? ? 
covale10 covale both ? A THR 8  C   ? ? ? 1_555 A DBU 9  N   ? ? A THR 7  A DBU 8  1_555 ? ? ? ? ? ? ? 1.353 ? ? 
covale11 covale one  ? A DBU 9  C   ? ? ? 1_555 A DCY 10 SG  ? ? A DBU 8  A DCY 9  1_555 ? ? ? ? ? ? ? 1.750 ? ? 
covale12 covale both ? A DBU 9  C   ? ? ? 1_555 A DCY 10 N   ? ? A DBU 8  A DCY 9  1_555 ? ? ? ? ? ? ? 1.293 ? ? 
covale13 covale both ? A DCY 10 C   ? ? ? 1_555 A TS9 11 N   ? ? A DCY 9  A TS9 10 1_555 ? ? ? ? ? ? ? 1.328 ? ? 
covale14 covale one  ? A TS9 11 C   ? ? ? 1_555 A BB9 12 SG  ? ? A TS9 10 A BB9 11 1_555 ? ? ? ? ? ? ? 1.750 ? ? 
covale15 covale both ? A TS9 11 C   ? ? ? 1_555 A BB9 12 N   ? ? A TS9 10 A BB9 11 1_555 ? ? ? ? ? ? ? 1.279 ? ? 
covale16 covale both ? A BB9 12 C   ? ? ? 1_555 A THR 13 N   ? ? A BB9 11 A THR 12 1_555 ? ? ? ? ? ? ? 1.359 ? ? 
covale17 covale one  ? A THR 13 C   ? ? ? 1_555 A BB9 14 SG  ? ? A THR 12 A BB9 13 1_555 ? ? ? ? ? ? ? 1.709 ? ? 
covale18 covale both ? A THR 13 C   ? ? ? 1_555 A BB9 14 N   ? ? A THR 12 A BB9 13 1_555 ? ? ? ? ? ? ? 1.292 ? ? 
covale19 covale both ? A BB9 14 C   ? ? ? 1_555 A MH6 15 N   ? ? A BB9 13 A MH6 14 1_555 ? ? ? ? ? ? ? 1.475 ? ? 
covale20 covale one  ? A MH6 15 C   ? ? ? 1_555 A BB9 16 SG  ? ? A MH6 14 A BB9 15 1_555 ? ? ? ? ? ? ? 1.650 ? ? 
covale21 covale both ? A MH6 15 C   ? ? ? 1_555 A BB9 16 N   ? ? A MH6 14 A BB9 15 1_555 ? ? ? ? ? ? ? 1.300 ? ? 
covale22 covale both ? A BB9 16 C   ? ? ? 1_555 A DHA 17 N   ? ? A BB9 15 A DHA 16 1_555 ? ? ? ? ? ? ? 1.380 ? ? 
covale23 covale both ? A DHA 17 C   ? ? ? 1_555 A DHA 18 N   ? ? A DHA 16 A DHA 17 1_555 ? ? ? ? ? ? ? 1.229 ? ? 
covale24 covale both ? A DHA 18 C   ? ? ? 1_555 A NH2 19 N   ? ? A DHA 17 A NH2 18 1_555 ? ? ? ? ? ? ? 1.350 ? ? 
# 
_struct_conn_type.id          covale 
_struct_conn_type.criteria    ? 
_struct_conn_type.reference   ? 
# 
loop_
_struct_site.id 
_struct_site.pdbx_evidence_code 
_struct_site.pdbx_auth_asym_id 
_struct_site.pdbx_auth_comp_id 
_struct_site.pdbx_auth_seq_id 
_struct_site.pdbx_auth_ins_code 
_struct_site.pdbx_num_residues 
_struct_site.details 
AC1 Software A QUA 0  ? 15 'BINDING SITE FOR RESIDUE QUA A 0'         
AC2 Software A NH2 18 ? 3  'BINDING SITE FOR RESIDUE NH2 A 18'        
AC3 Software ? ?   ?  ? 11 'BINDING SITE FOR CHAIN A OF THIOSTREPTON' 
# 
loop_
_struct_site_gen.id 
_struct_site_gen.site_id 
_struct_site_gen.pdbx_num_res 
_struct_site_gen.label_comp_id 
_struct_site_gen.label_asym_id 
_struct_site_gen.label_seq_id 
_struct_site_gen.pdbx_auth_ins_code 
_struct_site_gen.auth_comp_id 
_struct_site_gen.auth_asym_id 
_struct_site_gen.auth_seq_id 
_struct_site_gen.label_atom_id 
_struct_site_gen.label_alt_id 
_struct_site_gen.symmetry 
_struct_site_gen.details 
1  AC1 15 ILE A 2  ? ILE A 1    . ? 1_555 ? 
2  AC1 15 ALA A 3  ? ALA A 2    . ? 1_555 ? 
3  AC1 15 DHA A 4  ? DHA A 3    . ? 1_555 ? 
4  AC1 15 DHA A 4  ? DHA A 3    . ? 3_554 ? 
5  AC1 15 ALA A 5  ? ALA A 4    . ? 3_554 ? 
6  AC1 15 ALA A 5  ? ALA A 4    . ? 1_555 ? 
7  AC1 15 SER A 6  ? SER A 5    . ? 1_555 ? 
8  AC1 15 BB9 A 7  ? BB9 A 6    . ? 1_555 ? 
9  AC1 15 THR A 8  ? THR A 7    . ? 1_555 ? 
10 AC1 15 TS9 A 11 ? TS9 A 10   . ? 1_555 ? 
11 AC1 15 BB9 A 12 ? BB9 A 11   . ? 6_465 ? 
12 AC1 15 THR A 13 ? THR A 12   . ? 1_555 ? 
13 AC1 15 BB9 A 14 ? BB9 A 13   . ? 1_555 ? 
14 AC1 15 NH2 A 19 ? NH2 A 18   . ? 6_455 ? 
15 AC1 15 HOH B .  ? HOH A 2004 . ? 1_555 ? 
16 AC2 3  QUA A 1  ? QUA A 0    . ? 6_555 ? 
17 AC2 3  BB9 A 7  ? BB9 A 6    . ? 7_555 ? 
18 AC2 3  DHA A 18 ? DHA A 17   . ? 1_555 ? 
19 AC3 11 QUA A 1  ? QUA A 0    . ? 1_555 ? 
20 AC3 11 QUA A 1  ? QUA A 0    . ? 4_455 ? 
21 AC3 11 QUA A 1  ? QUA A 0    . ? 6_565 ? 
22 AC3 11 NH2 A 19 ? NH2 A 18   . ? 1_555 ? 
23 AC3 11 NH2 A 19 ? NH2 A 18   . ? 7_555 ? 
24 AC3 11 HOH B .  ? HOH A 2001 . ? 8_665 ? 
25 AC3 11 HOH B .  ? HOH A 2001 . ? 1_555 ? 
26 AC3 11 HOH B .  ? HOH A 2002 . ? 8_665 ? 
27 AC3 11 HOH B .  ? HOH A 2002 . ? 1_555 ? 
28 AC3 11 HOH B .  ? HOH A 2003 . ? 1_555 ? 
29 AC3 11 HOH B .  ? HOH A 2004 . ? 1_555 ? 
# 
_pdbx_validate_rmsd_bond.id                        1 
_pdbx_validate_rmsd_bond.PDB_model_num             1 
_pdbx_validate_rmsd_bond.auth_atom_id_1            C 
_pdbx_validate_rmsd_bond.auth_asym_id_1            A 
_pdbx_validate_rmsd_bond.auth_comp_id_1            BB9 
_pdbx_validate_rmsd_bond.auth_seq_id_1             13 
_pdbx_validate_rmsd_bond.PDB_ins_code_1            ? 
_pdbx_validate_rmsd_bond.label_alt_id_1            ? 
_pdbx_validate_rmsd_bond.auth_atom_id_2            N 
_pdbx_validate_rmsd_bond.auth_asym_id_2            A 
_pdbx_validate_rmsd_bond.auth_comp_id_2            MH6 
_pdbx_validate_rmsd_bond.auth_seq_id_2             14 
_pdbx_validate_rmsd_bond.PDB_ins_code_2            ? 
_pdbx_validate_rmsd_bond.label_alt_id_2            ? 
_pdbx_validate_rmsd_bond.bond_value                1.475 
_pdbx_validate_rmsd_bond.bond_target_value         1.336 
_pdbx_validate_rmsd_bond.bond_deviation            0.139 
_pdbx_validate_rmsd_bond.bond_standard_deviation   0.023 
_pdbx_validate_rmsd_bond.linker_flag               Y 
# 
loop_
_pdbx_validate_torsion.id 
_pdbx_validate_torsion.PDB_model_num 
_pdbx_validate_torsion.auth_comp_id 
_pdbx_validate_torsion.auth_asym_id 
_pdbx_validate_torsion.auth_seq_id 
_pdbx_validate_torsion.PDB_ins_code 
_pdbx_validate_torsion.label_alt_id 
_pdbx_validate_torsion.phi 
_pdbx_validate_torsion.psi 
1 1 SER A 5  ? ? 71.84   80.87  
2 1 DCY A 9  ? ? -147.29 -14.74 
3 1 TS9 A 10 ? ? -107.46 -65.52 
# 
_pdbx_molecule_features.prd_id    PRD_000223 
_pdbx_molecule_features.name      THIOSTREPTON 
_pdbx_molecule_features.type      Thiopeptide 
_pdbx_molecule_features.class     Antibiotic 
_pdbx_molecule_features.details   
;Thiostrepton is a hetrocyclic thiopeptide belonging to the
 thiocillin family, consisting of four thiazole, one thiozoline and one
 piperideine rings. A modified quinoline linked to main-chain residue 1
 and side-chain of residue 12. Post translational maturation of
 thiazole and oxazole containing antibiotics involves the enzymic
 condensation of a Cys or Ser with the alpha-carbonyl of the preceding
 amino acid to form a thioether or ether bond, then dehydration to form
 a double bond with the alpha-amino nitrogen. Thiazoline or oxazoline
 ring are dehydrogenated to form thiazole or oxazole rings. the
 pyridinyl involves the cross-linking of a Ser and a Cys-Ser pair
 usually separated by 7 or 8 residues along the peptide chain. The Ser
 residues are dehydrated to didehydroalanines, then bonded between
 their beta carbons. The alpha carbonyl of the Cys condenses with alpha
 carbon of the first Ser to form a pyridinyl ring. The ring may be
 mutiply dehydrogenated to form a pyridine ring with loss of the amino
 nitrogen of the first Ser. The amidation of Ser-17 probably does not
 occur by the same mechanism, oxidative cleavage of glycine, as in
 eukaryotes.
;
# 
_pdbx_molecule.instance_id   1 
_pdbx_molecule.prd_id        PRD_000223 
_pdbx_molecule.asym_id       A 
# 
loop_
_pdbx_struct_mod_residue.id 
_pdbx_struct_mod_residue.label_asym_id 
_pdbx_struct_mod_residue.label_comp_id 
_pdbx_struct_mod_residue.label_seq_id 
_pdbx_struct_mod_residue.auth_asym_id 
_pdbx_struct_mod_residue.auth_comp_id 
_pdbx_struct_mod_residue.auth_seq_id 
_pdbx_struct_mod_residue.PDB_ins_code 
_pdbx_struct_mod_residue.parent_comp_id 
_pdbx_struct_mod_residue.details 
1  A DHA 4  A DHA 3  ? SER '2-AMINO-ACRYLIC ACID'            
2  A BB9 7  A BB9 6  ? CYS ?                                 
3  A DBU 9  A DBU 8  ? THR '(2Z)-2-AMINOBUT-2-ENOIC ACID'    
4  A TS9 11 A TS9 10 ? ILE ?                                 
5  A BB9 12 A BB9 11 ? CYS ?                                 
6  A BB9 14 A BB9 13 ? CYS ?                                 
7  A MH6 15 A MH6 14 ? SER '3-HYDROXY-2-IMINOPROPANOIC ACID' 
8  A BB9 16 A BB9 15 ? CYS ?                                 
9  A DHA 17 A DHA 16 ? SER '2-AMINO-ACRYLIC ACID'            
10 A DHA 18 A DHA 17 ? SER '2-AMINO-ACRYLIC ACID'            
# 
loop_
_pdbx_struct_special_symmetry.id 
_pdbx_struct_special_symmetry.PDB_model_num 
_pdbx_struct_special_symmetry.auth_asym_id 
_pdbx_struct_special_symmetry.auth_comp_id 
_pdbx_struct_special_symmetry.auth_seq_id 
_pdbx_struct_special_symmetry.PDB_ins_code 
_pdbx_struct_special_symmetry.label_asym_id 
_pdbx_struct_special_symmetry.label_comp_id 
_pdbx_struct_special_symmetry.label_seq_id 
1 1 A HOH 2001 ? B HOH . 
2 1 A HOH 2002 ? B HOH . 
# 
_pdbx_entry_details.entry_id                 1E9W 
_pdbx_entry_details.compound_details         
;THIOSTREPTON IS A MEMBER OF A SULPHUR-RICH HETEROCYCLIC PEPTIDES
CLASS. ALL SHARE A MACROCYLIC CORE, CONSISTING OF A
NITROGEN CONTAINING, SIX-MEMBERED RING CENTRAL TO DEHYDROAMINO
ACIDS AND A SUBSET OF FIVE MEMBER RING STRUCTURES INCLUDING
THIAZOLES, THIAZOLINES AND OXAZOLES.
HERE, THIOSTREPTON IS REPRESENTED BY THE SEQUENCE (SEQRES)

 GROUP: 1
  NAME: THIOSTREPTON
  CHAIN: A
  COMPONENT_1: PEPTIDE LIKE SEQUENCE RESIDUES 0 TO 18
  DESCRIPTION: THIOSTREPTON IS A HETROCYCLIC THIOPEPTIDE,
               CONSISTING OF FOUR THIAZOLES ONE THIOZOLINE
               ONE PIPERIDEINE RINGS.
               A MODIFIED QUINOLINE LINKED TO MAIN-CHAIN
               RESIDUE 1 AND SIDE-CHAIN OF RESIDUE 12.
               THE OBSERVED C-TERMINAL AMINO GROUP NH2(18) IS
               LIKELY TO BE A POST-TRANSLATIONAL DECARBOXYLATED
               REMNANT OF A SER C-TERMINAL RESIDUE
;
_pdbx_entry_details.source_details           ? 
_pdbx_entry_details.nonpolymer_details       ? 
_pdbx_entry_details.sequence_details         ? 
_pdbx_entry_details.has_ligand_of_interest   ? 
# 
loop_
_chem_comp_atom.comp_id 
_chem_comp_atom.atom_id 
_chem_comp_atom.type_symbol 
_chem_comp_atom.pdbx_aromatic_flag 
_chem_comp_atom.pdbx_stereo_config 
_chem_comp_atom.pdbx_ordinal 
ALA N     N N N 1   
ALA CA    C N S 2   
ALA C     C N N 3   
ALA O     O N N 4   
ALA CB    C N N 5   
ALA OXT   O N N 6   
ALA H     H N N 7   
ALA H2    H N N 8   
ALA HA    H N N 9   
ALA HB1   H N N 10  
ALA HB2   H N N 11  
ALA HB3   H N N 12  
ALA HXT   H N N 13  
BB9 N     N N N 14  
BB9 CA    C N N 15  
BB9 C     C N N 16  
BB9 O     O N N 17  
BB9 CB    C N N 18  
BB9 SG    S N N 19  
BB9 OXT   O N N 20  
BB9 H     H N N 21  
BB9 H2    H N N 22  
BB9 HB    H N N 23  
BB9 HXT   H N N 24  
BB9 HG    H N N 25  
DBU N     N N N 26  
DBU CA    C N N 27  
DBU CB    C N N 28  
DBU CG    C N N 29  
DBU C     C N N 30  
DBU O     O N N 31  
DBU OXT   O N N 32  
DBU H     H N N 33  
DBU H2    H N N 34  
DBU HB    H N N 35  
DBU HG1   H N N 36  
DBU HG2   H N N 37  
DBU HG3   H N N 38  
DBU HXT   H N N 39  
DCY N     N N N 40  
DCY CA    C N S 41  
DCY C     C N N 42  
DCY O     O N N 43  
DCY CB    C N N 44  
DCY SG    S N N 45  
DCY OXT   O N N 46  
DCY H     H N N 47  
DCY H2    H N N 48  
DCY HA    H N N 49  
DCY HB2   H N N 50  
DCY HB3   H N N 51  
DCY HG    H N N 52  
DCY HXT   H N N 53  
DHA N     N N N 54  
DHA CA    C N N 55  
DHA CB    C N N 56  
DHA C     C N N 57  
DHA O     O N N 58  
DHA OXT   O N N 59  
DHA H     H N N 60  
DHA H2    H N N 61  
DHA HB1   H N N 62  
DHA HB2   H N N 63  
DHA HXT   H N N 64  
HOH O     O N N 65  
HOH H1    H N N 66  
HOH H2    H N N 67  
ILE N     N N N 68  
ILE CA    C N S 69  
ILE C     C N N 70  
ILE O     O N N 71  
ILE CB    C N S 72  
ILE CG1   C N N 73  
ILE CG2   C N N 74  
ILE CD1   C N N 75  
ILE OXT   O N N 76  
ILE H     H N N 77  
ILE H2    H N N 78  
ILE HA    H N N 79  
ILE HB    H N N 80  
ILE HG12  H N N 81  
ILE HG13  H N N 82  
ILE HG21  H N N 83  
ILE HG22  H N N 84  
ILE HG23  H N N 85  
ILE HD11  H N N 86  
ILE HD12  H N N 87  
ILE HD13  H N N 88  
ILE HXT   H N N 89  
MH6 N     N N N 90  
MH6 CA    C N N 91  
MH6 C     C N N 92  
MH6 CB    C N N 93  
MH6 OG    O N N 94  
MH6 O     O N N 95  
MH6 OXT   O N N 96  
MH6 H     H N N 97  
MH6 HB2   H N N 98  
MH6 HB3   H N N 99  
MH6 HXT   H N N 100 
MH6 HG    H N N 101 
NH2 N     N N N 102 
NH2 HN1   H N N 103 
NH2 HN2   H N N 104 
QUA O12   O N N 105 
QUA C11   C N N 106 
QUA C2    C Y N 107 
QUA N1    N Y N 108 
QUA C3    C Y N 109 
QUA C9    C Y N 110 
QUA C4    C Y N 111 
QUA C8    C N S 112 
QUA C10   C Y N 113 
QUA O16   O N N 114 
QUA C7    C N N 115 
QUA C13   C N S 116 
QUA O15   O N N 117 
QUA C5    C N N 118 
QUA C14   C N N 119 
QUA C6    C N N 120 
QUA "O1'" O N N 121 
QUA HC3   H N N 122 
QUA HC8   H N N 123 
QUA H16   H N N 124 
QUA HC71  H N N 125 
QUA HC72  H N N 126 
QUA H13   H N N 127 
QUA H15   H N N 128 
QUA HC5   H N N 129 
QUA H141  H N N 130 
QUA H142  H N N 131 
QUA H143  H N N 132 
QUA HC6   H N N 133 
QUA "H1'" H N N 134 
SER N     N N N 135 
SER CA    C N S 136 
SER C     C N N 137 
SER O     O N N 138 
SER CB    C N N 139 
SER OG    O N N 140 
SER OXT   O N N 141 
SER H     H N N 142 
SER H2    H N N 143 
SER HA    H N N 144 
SER HB2   H N N 145 
SER HB3   H N N 146 
SER HG    H N N 147 
SER HXT   H N N 148 
THR N     N N N 149 
THR CA    C N S 150 
THR C     C N N 151 
THR O     O N N 152 
THR CB    C N R 153 
THR OG1   O N N 154 
THR CG2   C N N 155 
THR OXT   O N N 156 
THR H     H N N 157 
THR H2    H N N 158 
THR HA    H N N 159 
THR HB    H N N 160 
THR HG1   H N N 161 
THR HG21  H N N 162 
THR HG22  H N N 163 
THR HG23  H N N 164 
THR HXT   H N N 165 
TS9 N     N N N 166 
TS9 CA    C N S 167 
TS9 C     C N N 168 
TS9 CB    C N S 169 
TS9 OG3   O N N 170 
TS9 CG2   C N N 171 
TS9 CG1   C N R 172 
TS9 OD2   O N N 173 
TS9 CD1   C N N 174 
TS9 OXT   O N N 175 
TS9 O     O N N 176 
TS9 H     H N N 177 
TS9 H2    H N N 178 
TS9 HA    H N N 179 
TS9 HXT   H N N 180 
TS9 HG3   H N N 181 
TS9 HG21  H N N 182 
TS9 HG22  H N N 183 
TS9 HG23  H N N 184 
TS9 HG1   H N N 185 
TS9 HD2   H N N 186 
TS9 HD11  H N N 187 
TS9 HD12  H N N 188 
TS9 HD13  H N N 189 
# 
loop_
_chem_comp_bond.comp_id 
_chem_comp_bond.atom_id_1 
_chem_comp_bond.atom_id_2 
_chem_comp_bond.value_order 
_chem_comp_bond.pdbx_aromatic_flag 
_chem_comp_bond.pdbx_stereo_config 
_chem_comp_bond.pdbx_ordinal 
ALA N     CA    sing N N 1   
ALA N     H     sing N N 2   
ALA N     H2    sing N N 3   
ALA CA    C     sing N N 4   
ALA CA    CB    sing N N 5   
ALA CA    HA    sing N N 6   
ALA C     O     doub N N 7   
ALA C     OXT   sing N N 8   
ALA CB    HB1   sing N N 9   
ALA CB    HB2   sing N N 10  
ALA CB    HB3   sing N N 11  
ALA OXT   HXT   sing N N 12  
BB9 N     CA    sing N N 13  
BB9 CA    C     sing N N 14  
BB9 CA    CB    doub N N 15  
BB9 C     O     doub N N 16  
BB9 C     OXT   sing N Z 17  
BB9 CB    SG    sing N N 18  
BB9 N     H     sing N N 19  
BB9 N     H2    sing N N 20  
BB9 CB    HB    sing N N 21  
BB9 OXT   HXT   sing N N 22  
BB9 SG    HG    sing N N 23  
DBU N     CA    sing N N 24  
DBU N     H     sing N N 25  
DBU N     H2    sing N N 26  
DBU CA    CB    doub N Z 27  
DBU CA    C     sing N N 28  
DBU CB    CG    sing N N 29  
DBU CB    HB    sing N N 30  
DBU CG    HG1   sing N N 31  
DBU CG    HG2   sing N N 32  
DBU CG    HG3   sing N N 33  
DBU C     O     doub N N 34  
DBU C     OXT   sing N N 35  
DBU OXT   HXT   sing N N 36  
DCY N     CA    sing N N 37  
DCY N     H     sing N N 38  
DCY N     H2    sing N N 39  
DCY CA    C     sing N N 40  
DCY CA    CB    sing N N 41  
DCY CA    HA    sing N N 42  
DCY C     O     doub N N 43  
DCY C     OXT   sing N N 44  
DCY CB    SG    sing N N 45  
DCY CB    HB2   sing N N 46  
DCY CB    HB3   sing N N 47  
DCY SG    HG    sing N N 48  
DCY OXT   HXT   sing N N 49  
DHA N     CA    sing N N 50  
DHA N     H     sing N N 51  
DHA N     H2    sing N N 52  
DHA CA    CB    doub N N 53  
DHA CA    C     sing N N 54  
DHA CB    HB1   sing N N 55  
DHA CB    HB2   sing N N 56  
DHA C     O     doub N N 57  
DHA C     OXT   sing N N 58  
DHA OXT   HXT   sing N N 59  
HOH O     H1    sing N N 60  
HOH O     H2    sing N N 61  
ILE N     CA    sing N N 62  
ILE N     H     sing N N 63  
ILE N     H2    sing N N 64  
ILE CA    C     sing N N 65  
ILE CA    CB    sing N N 66  
ILE CA    HA    sing N N 67  
ILE C     O     doub N N 68  
ILE C     OXT   sing N N 69  
ILE CB    CG1   sing N N 70  
ILE CB    CG2   sing N N 71  
ILE CB    HB    sing N N 72  
ILE CG1   CD1   sing N N 73  
ILE CG1   HG12  sing N N 74  
ILE CG1   HG13  sing N N 75  
ILE CG2   HG21  sing N N 76  
ILE CG2   HG22  sing N N 77  
ILE CG2   HG23  sing N N 78  
ILE CD1   HD11  sing N N 79  
ILE CD1   HD12  sing N N 80  
ILE CD1   HD13  sing N N 81  
ILE OXT   HXT   sing N N 82  
MH6 N     CA    doub N N 83  
MH6 CA    C     sing N N 84  
MH6 CA    CB    sing N N 85  
MH6 C     O     doub N N 86  
MH6 C     OXT   sing N N 87  
MH6 CB    OG    sing N N 88  
MH6 N     H     sing N N 89  
MH6 CB    HB2   sing N N 90  
MH6 CB    HB3   sing N N 91  
MH6 OXT   HXT   sing N N 92  
MH6 OG    HG    sing N N 93  
NH2 N     HN1   sing N N 94  
NH2 N     HN2   sing N N 95  
QUA O12   C11   doub N N 96  
QUA C11   C2    sing N N 97  
QUA C11   "O1'" sing N N 98  
QUA C2    N1    doub Y N 99  
QUA C2    C3    sing Y N 100 
QUA N1    C9    sing Y N 101 
QUA C3    C4    doub Y N 102 
QUA C3    HC3   sing N N 103 
QUA C9    C8    sing N N 104 
QUA C9    C10   doub Y N 105 
QUA C4    C10   sing Y N 106 
QUA C4    C13   sing N N 107 
QUA C8    O16   sing N N 108 
QUA C8    C7    sing N N 109 
QUA C8    HC8   sing N N 110 
QUA C10   C5    sing N N 111 
QUA O16   H16   sing N N 112 
QUA C7    C6    sing N N 113 
QUA C7    HC71  sing N N 114 
QUA C7    HC72  sing N N 115 
QUA C13   O15   sing N N 116 
QUA C13   C14   sing N N 117 
QUA C13   H13   sing N N 118 
QUA O15   H15   sing N N 119 
QUA C5    C6    doub N N 120 
QUA C5    HC5   sing N N 121 
QUA C14   H141  sing N N 122 
QUA C14   H142  sing N N 123 
QUA C14   H143  sing N N 124 
QUA C6    HC6   sing N N 125 
QUA "O1'" "H1'" sing N N 126 
SER N     CA    sing N N 127 
SER N     H     sing N N 128 
SER N     H2    sing N N 129 
SER CA    C     sing N N 130 
SER CA    CB    sing N N 131 
SER CA    HA    sing N N 132 
SER C     O     doub N N 133 
SER C     OXT   sing N N 134 
SER CB    OG    sing N N 135 
SER CB    HB2   sing N N 136 
SER CB    HB3   sing N N 137 
SER OG    HG    sing N N 138 
SER OXT   HXT   sing N N 139 
THR N     CA    sing N N 140 
THR N     H     sing N N 141 
THR N     H2    sing N N 142 
THR CA    C     sing N N 143 
THR CA    CB    sing N N 144 
THR CA    HA    sing N N 145 
THR C     O     doub N N 146 
THR C     OXT   sing N N 147 
THR CB    OG1   sing N N 148 
THR CB    CG2   sing N N 149 
THR CB    HB    sing N N 150 
THR OG1   HG1   sing N N 151 
THR CG2   HG21  sing N N 152 
THR CG2   HG22  sing N N 153 
THR CG2   HG23  sing N N 154 
THR OXT   HXT   sing N N 155 
TS9 N     CA    sing N N 156 
TS9 CA    C     sing N N 157 
TS9 CA    CB    sing N N 158 
TS9 C     OXT   sing N N 159 
TS9 C     O     doub N N 160 
TS9 CB    OG3   sing N N 161 
TS9 CB    CG2   sing N N 162 
TS9 CB    CG1   sing N N 163 
TS9 CG1   OD2   sing N N 164 
TS9 CG1   CD1   sing N N 165 
TS9 N     H     sing N N 166 
TS9 N     H2    sing N N 167 
TS9 CA    HA    sing N N 168 
TS9 OXT   HXT   sing N N 169 
TS9 OG3   HG3   sing N N 170 
TS9 CG2   HG21  sing N N 171 
TS9 CG2   HG22  sing N N 172 
TS9 CG2   HG23  sing N N 173 
TS9 CG1   HG1   sing N N 174 
TS9 OD2   HD2   sing N N 175 
TS9 CD1   HD11  sing N N 176 
TS9 CD1   HD12  sing N N 177 
TS9 CD1   HD13  sing N N 178 
# 
_pdbx_initial_refinement_model.accession_code   ? 
_pdbx_initial_refinement_model.id               1 
_pdbx_initial_refinement_model.entity_id_list   ? 
_pdbx_initial_refinement_model.type             other 
_pdbx_initial_refinement_model.source_name      ? 
_pdbx_initial_refinement_model.details          'SEE REFERENCE' 
# 
_atom_sites.entry_id                    1E9W 
_atom_sites.fract_transf_matrix[1][1]   0.00994699 
_atom_sites.fract_transf_matrix[1][2]   0.03548482 
_atom_sites.fract_transf_matrix[1][3]   -0.00759448 
_atom_sites.fract_transf_matrix[2][1]   -0.03212052 
_atom_sites.fract_transf_matrix[2][2]   0.00494539 
_atom_sites.fract_transf_matrix[2][3]   -0.01896330 
_atom_sites.fract_transf_matrix[3][1]   -0.01635644 
_atom_sites.fract_transf_matrix[3][2]   0.01113595 
_atom_sites.fract_transf_matrix[3][3]   0.03060905 
_atom_sites.fract_transf_vector[1]      0.282081 
_atom_sites.fract_transf_vector[2]      0.599152 
_atom_sites.fract_transf_vector[3]      0.074097 
# 
loop_
_atom_type.symbol 
C 
N 
O 
S 
# 
loop_
_atom_site.group_PDB 
_atom_site.id 
_atom_site.type_symbol 
_atom_site.label_atom_id 
_atom_site.label_alt_id 
_atom_site.label_comp_id 
_atom_site.label_asym_id 
_atom_site.label_entity_id 
_atom_site.label_seq_id 
_atom_site.pdbx_PDB_ins_code 
_atom_site.Cartn_x 
_atom_site.Cartn_y 
_atom_site.Cartn_z 
_atom_site.occupancy 
_atom_site.B_iso_or_equiv 
_atom_site.pdbx_formal_charge 
_atom_site.auth_seq_id 
_atom_site.auth_comp_id 
_atom_site.auth_asym_id 
_atom_site.auth_atom_id 
_atom_site.pdbx_PDB_model_num 
HETATM 1   O O12 . QUA A 1 1  ? -0.554  -1.109 1.578  1.00 5.69  ? 0    QUA A O12 1 
HETATM 2   C C11 . QUA A 1 1  ? -1.646  -1.421 1.151  1.00 4.96  ? 0    QUA A C11 1 
HETATM 3   C C2  . QUA A 1 1  ? -2.162  -2.825 1.162  1.00 5.41  ? 0    QUA A C2  1 
HETATM 4   N N1  . QUA A 1 1  ? -3.422  -3.056 0.764  1.00 5.15  ? 0    QUA A N1  1 
HETATM 5   C C3  . QUA A 1 1  ? -1.259  -3.830 1.589  1.00 5.48  ? 0    QUA A C3  1 
HETATM 6   C C9  . QUA A 1 1  ? -3.835  -4.363 0.764  1.00 5.35  ? 0    QUA A C9  1 
HETATM 7   C C4  . QUA A 1 1  ? -1.680  -5.110 1.590  1.00 6.30  ? 0    QUA A C4  1 
HETATM 8   C C8  . QUA A 1 1  ? -5.172  -4.583 0.154  1.00 5.60  ? 0    QUA A C8  1 
HETATM 9   C C10 . QUA A 1 1  ? -3.007  -5.432 1.150  1.00 5.70  ? 0    QUA A C10 1 
HETATM 10  O O16 . QUA A 1 1  ? -5.038  -4.770 -1.244 1.00 5.73  ? 0    QUA A O16 1 
HETATM 11  C C7  . QUA A 1 1  ? -5.872  -5.892 0.705  1.00 6.78  ? 0    QUA A C7  1 
HETATM 12  C C13 . QUA A 1 1  ? -0.719  -6.229 2.101  1.00 7.60  ? 0    QUA A C13 1 
HETATM 13  O O15 . QUA A 1 1  ? 0.563   -5.869 2.006  1.00 12.39 ? 0    QUA A O15 1 
HETATM 14  C C5  . QUA A 1 1  ? -3.584  -6.775 1.039  1.00 7.11  ? 0    QUA A C5  1 
HETATM 15  C C14 . QUA A 1 1  ? -1.107  -6.636 3.515  1.00 12.59 ? 0    QUA A C14 1 
HETATM 16  C C6  . QUA A 1 1  ? -4.841  -7.003 0.851  1.00 6.74  ? 0    QUA A C6  1 
ATOM   17  N N   . ILE A 1 2  ? -6.433  -5.654 2.075  1.00 6.15  ? 1    ILE A N   1 
ATOM   18  C CA  . ILE A 1 2  ? -7.510  -4.637 2.076  1.00 6.35  ? 1    ILE A CA  1 
ATOM   19  C C   . ILE A 1 2  ? -7.042  -3.344 2.694  1.00 5.87  ? 1    ILE A C   1 
ATOM   20  O O   . ILE A 1 2  ? -7.684  -2.304 2.600  1.00 7.23  ? 1    ILE A O   1 
ATOM   21  C CB  . ILE A 1 2  ? -8.826  -5.096 2.743  1.00 7.69  ? 1    ILE A CB  1 
ATOM   22  C CG1 . ILE A 1 2  ? -8.544  -5.580 4.145  1.00 10.72 ? 1    ILE A CG1 1 
ATOM   23  C CG2 . ILE A 1 2  ? -9.531  -6.143 1.872  1.00 8.64  ? 1    ILE A CG2 1 
ATOM   24  C CD1 . ILE A 1 2  ? -9.865  -5.690 5.061  1.00 20.14 ? 1    ILE A CD1 1 
ATOM   25  N N   . ALA A 1 3  ? -5.828  -3.394 3.321  1.00 6.28  ? 2    ALA A N   1 
ATOM   26  C CA  . ALA A 1 3  ? -5.211  -2.225 3.867  1.00 7.24  ? 2    ALA A CA  1 
ATOM   27  C C   . ALA A 1 3  ? -3.740  -2.698 4.244  1.00 6.13  ? 2    ALA A C   1 
ATOM   28  O O   . ALA A 1 3  ? -3.447  -3.834 4.367  1.00 7.06  ? 2    ALA A O   1 
ATOM   29  C CB  . ALA A 1 3  ? -5.847  -1.800 5.218  1.00 10.02 ? 2    ALA A CB  1 
HETATM 30  N N   . DHA A 1 4  ? -2.898  -1.613 4.405  1.00 6.10  ? 3    DHA A N   1 
HETATM 31  C CA  . DHA A 1 4  ? -1.504  -1.685 4.653  1.00 6.09  ? 3    DHA A CA  1 
HETATM 32  C CB  . DHA A 1 4  ? -0.853  -2.753 5.085  1.00 6.68  ? 3    DHA A CB  1 
HETATM 33  C C   . DHA A 1 4  ? -0.941  -0.349 4.342  1.00 5.59  ? 3    DHA A C   1 
HETATM 34  O O   . DHA A 1 4  ? -1.684  0.589  3.956  1.00 6.40  ? 3    DHA A O   1 
ATOM   35  N N   . ALA A 1 5  ? 0.399   -0.214 4.395  1.00 6.08  ? 4    ALA A N   1 
ATOM   36  C CA  . ALA A 1 5  ? 1.082   0.909  3.750  1.00 6.24  ? 4    ALA A CA  1 
ATOM   37  C C   . ALA A 1 5  ? 2.204   0.280  2.891  1.00 6.70  ? 4    ALA A C   1 
ATOM   38  O O   . ALA A 1 5  ? 3.046   -0.423 3.389  1.00 8.22  ? 4    ALA A O   1 
ATOM   39  C CB  . ALA A 1 5  ? 1.724   1.807  4.748  1.00 7.24  ? 4    ALA A CB  1 
ATOM   40  N N   . SER A 1 6  ? 2.106   0.569  1.545  1.00 6.28  ? 5    SER A N   1 
ATOM   41  C CA  . SER A 1 6  ? 3.088   -0.006 0.569  1.00 6.18  ? 5    SER A CA  1 
ATOM   42  C C   . SER A 1 6  ? 2.874   -1.426 0.374  1.00 7.01  ? 5    SER A C   1 
ATOM   43  C CB  . SER A 1 6  ? 4.534   0.311  1.008  1.00 7.09  ? 5    SER A CB  1 
HETATM 44  N N   . BB9 A 1 7  ? 1.992   -2.011 -0.389 1.00 6.05  ? 6    BB9 A N   1 
HETATM 45  C CA  . BB9 A 1 7  ? 1.972   -3.364 -0.273 1.00 6.84  ? 6    BB9 A CA  1 
HETATM 46  C C   . BB9 A 1 7  ? 1.060   -4.160 -1.028 1.00 6.56  ? 6    BB9 A C   1 
HETATM 47  O O   . BB9 A 1 7  ? 0.835   -5.391 -0.743 1.00 7.90  ? 6    BB9 A O   1 
HETATM 48  C CB  . BB9 A 1 7  ? 2.871   -3.844 0.726  1.00 10.84 ? 6    BB9 A CB  1 
HETATM 49  S SG  . BB9 A 1 7  ? 3.753   -2.590 1.346  1.00 11.34 ? 6    BB9 A SG  1 
ATOM   50  N N   . THR A 1 8  ? 0.494   -3.600 -2.083 1.00 6.01  ? 7    THR A N   1 
ATOM   51  C CA  . THR A 1 8  ? -0.496  -4.255 -2.888 1.00 6.05  ? 7    THR A CA  1 
ATOM   52  C C   . THR A 1 8  ? -0.436  -3.685 -4.281 1.00 5.82  ? 7    THR A C   1 
ATOM   53  O O   . THR A 1 8  ? 0.304   -2.754 -4.556 1.00 7.98  ? 7    THR A O   1 
ATOM   54  C CB  . THR A 1 8  ? -1.859  -4.078 -2.221 1.00 5.51  ? 7    THR A CB  1 
ATOM   55  O OG1 . THR A 1 8  ? -2.748  -5.083 -2.786 1.00 6.05  ? 7    THR A OG1 1 
ATOM   56  C CG2 . THR A 1 8  ? -2.488  -2.641 -2.446 1.00 6.32  ? 7    THR A CG2 1 
HETATM 57  N N   . DBU A 1 9  ? -1.281  -4.293 -5.145 1.00 6.75  ? 8    DBU A N   1 
HETATM 58  C CA  . DBU A 1 9  ? -1.372  -3.894 -6.560 1.00 7.31  ? 8    DBU A CA  1 
HETATM 59  C CB  . DBU A 1 9  ? -0.363  -3.932 -7.419 1.00 9.94  ? 8    DBU A CB  1 
HETATM 60  C CG  . DBU A 1 9  ? 1.075   -4.333 -7.056 1.00 11.58 ? 8    DBU A CG  1 
HETATM 61  C C   . DBU A 1 9  ? -2.679  -3.520 -7.010 1.00 7.55  ? 8    DBU A C   1 
HETATM 62  N N   . DCY A 1 10 ? -3.701  -3.418 -6.223 1.00 7.33  ? 9    DCY A N   1 
HETATM 63  C CA  . DCY A 1 10 ? -4.938  -3.240 -6.995 1.00 9.04  ? 9    DCY A CA  1 
HETATM 64  C C   . DCY A 1 10 ? -5.975  -2.381 -6.306 1.00 9.07  ? 9    DCY A C   1 
HETATM 65  O O   . DCY A 1 10 ? -6.955  -2.074 -6.926 1.00 17.74 ? 9    DCY A O   1 
HETATM 66  C CB  . DCY A 1 10 ? -4.593  -2.681 -8.382 1.00 12.84 ? 9    DCY A CB  1 
HETATM 67  S SG  . DCY A 1 10 ? -2.949  -3.345 -8.730 1.00 10.02 ? 9    DCY A SG  1 
HETATM 68  N N   . TS9 A 1 11 ? -5.809  -2.139 -5.011 1.00 7.00  ? 10   TS9 A N   1 
HETATM 69  C CA  . TS9 A 1 11 ? -6.779  -1.314 -4.267 1.00 6.73  ? 10   TS9 A CA  1 
HETATM 70  C C   . TS9 A 1 11 ? -6.138  0.032  -3.964 1.00 6.19  ? 10   TS9 A C   1 
HETATM 71  C CB  . TS9 A 1 11 ? -7.245  -2.027 -2.967 1.00 6.56  ? 10   TS9 A CB  1 
HETATM 72  O OG3 . TS9 A 1 11 ? -6.110  -2.486 -2.249 1.00 6.17  ? 10   TS9 A OG3 1 
HETATM 73  C CG2 . TS9 A 1 11 ? -8.067  -1.092 -2.139 1.00 7.92  ? 10   TS9 A CG2 1 
HETATM 74  C CG1 . TS9 A 1 11 ? -8.037  -3.307 -3.358 1.00 9.05  ? 10   TS9 A CG1 1 
HETATM 75  O OD2 . TS9 A 1 11 ? -9.142  -2.862 -4.180 1.00 14.73 ? 10   TS9 A OD2 1 
HETATM 76  C CD1 . TS9 A 1 11 ? -8.531  -4.150 -2.176 1.00 10.37 ? 10   TS9 A CD1 1 
HETATM 77  N N   . BB9 A 1 12 ? -5.130  0.233  -3.202 1.00 5.11  ? 11   BB9 A N   1 
HETATM 78  C CA  . BB9 A 1 12 ? -4.747  1.510  -3.252 1.00 5.68  ? 11   BB9 A CA  1 
HETATM 79  C C   . BB9 A 1 12 ? -3.638  2.018  -2.421 1.00 5.58  ? 11   BB9 A C   1 
HETATM 80  O O   . BB9 A 1 12 ? -3.198  3.178  -2.543 1.00 6.68  ? 11   BB9 A O   1 
HETATM 81  C CB  . BB9 A 1 12 ? -5.497  2.371  -4.094 1.00 7.26  ? 11   BB9 A CB  1 
HETATM 82  S SG  . BB9 A 1 12 ? -6.685  1.443  -4.843 1.00 8.72  ? 11   BB9 A SG  1 
ATOM   83  N N   . THR A 1 13 ? -3.149  1.094  -1.553 1.00 5.64  ? 12   THR A N   1 
ATOM   84  C CA  . THR A 1 13 ? -2.068  1.435  -0.665 1.00 5.28  ? 12   THR A CA  1 
ATOM   85  C C   . THR A 1 13 ? -0.701  1.033  -1.229 1.00 5.27  ? 12   THR A C   1 
ATOM   86  C CB  . THR A 1 13 ? -2.275  0.871  0.733  1.00 5.56  ? 12   THR A CB  1 
ATOM   87  O OG1 . THR A 1 13 ? -2.536  -0.584 0.629  1.00 5.14  ? 12   THR A OG1 1 
ATOM   88  C CG2 . THR A 1 13 ? -3.528  1.468  1.416  1.00 6.10  ? 12   THR A CG2 1 
HETATM 89  N N   . BB9 A 1 14 ? 0.398   1.136  -0.558 1.00 5.60  ? 13   BB9 A N   1 
HETATM 90  C CA  . BB9 A 1 14 ? 1.477   0.739  -1.335 1.00 5.71  ? 13   BB9 A CA  1 
HETATM 91  C C   . BB9 A 1 14 ? 2.860   0.812  -0.758 1.00 6.38  ? 13   BB9 A C   1 
HETATM 92  C CB  . BB9 A 1 14 ? 1.144   0.360  -2.588 1.00 5.90  ? 13   BB9 A CB  1 
HETATM 93  S SG  . BB9 A 1 14 ? -0.544  0.444  -2.825 1.00 6.06  ? 13   BB9 A SG  1 
HETATM 94  N N   . MH6 A 1 15 ? 3.141   2.251  -0.599 1.00 7.14  ? 14   MH6 A N   1 
HETATM 95  C CA  . MH6 A 1 15 ? 3.950   2.634  0.321  1.00 7.50  ? 14   MH6 A CA  1 
HETATM 96  C C   . MH6 A 1 15 ? 4.150   4.141  0.431  1.00 9.62  ? 14   MH6 A C   1 
HETATM 97  C CB  . MH6 A 1 15 ? 4.664   1.801  1.298  1.00 8.56  ? 14   MH6 A CB  1 
HETATM 98  N N   . BB9 A 1 16 ? 4.997   4.657  1.271  1.00 10.82 ? 15   BB9 A N   1 
HETATM 99  C CA  . BB9 A 1 16 ? 5.039   5.982  1.205  1.00 12.61 ? 15   BB9 A CA  1 
HETATM 100 C C   . BB9 A 1 16 ? 5.832   6.864  2.028  1.00 12.71 ? 15   BB9 A C   1 
HETATM 101 O O   . BB9 A 1 16 ? 5.851   7.933  2.086  1.00 15.83 ? 15   BB9 A O   1 
HETATM 102 C CB  . BB9 A 1 16 ? 4.165   6.543  0.104  1.00 14.30 ? 15   BB9 A CB  1 
HETATM 103 S SG  . BB9 A 1 16 ? 3.348   5.206  -0.541 1.00 15.73 ? 15   BB9 A SG  1 
HETATM 104 N N   . DHA A 1 17 ? 6.583   6.087  2.887  1.00 12.87 ? 16   DHA A N   1 
HETATM 105 C CA  . DHA A 1 17 ? 7.696   6.501  3.880  1.00 14.69 ? 16   DHA A CA  1 
HETATM 106 C CB  . DHA A 1 17 ? 7.876   7.680  4.439  1.00 27.84 ? 16   DHA A CB  1 
HETATM 107 C C   . DHA A 1 17 ? 8.630   5.541  4.290  1.00 14.66 ? 16   DHA A C   1 
HETATM 108 O O   . DHA A 1 17 ? 8.546   4.540  3.626  1.00 13.98 ? 16   DHA A O   1 
HETATM 109 N N   . DHA A 1 18 ? 9.354   5.728  5.266  1.00 20.50 ? 17   DHA A N   1 
HETATM 110 C CA  . DHA A 1 18 ? 10.321  4.909  5.915  1.00 16.41 ? 17   DHA A CA  1 
HETATM 111 C CB  . DHA A 1 18 ? 10.449  3.633  5.608  1.00 16.54 ? 17   DHA A CB  1 
HETATM 112 C C   . DHA A 1 18 ? 11.342  5.652  6.671  0.50 11.76 ? 17   DHA A C   1 
HETATM 113 O O   . DHA A 1 18 ? 11.213  6.828  6.847  0.33 20.74 ? 17   DHA A O   1 
HETATM 114 N N   . NH2 A 1 19 ? 12.413  4.988  7.157  0.50 14.93 ? 18   NH2 A N   1 
HETATM 115 O O   . HOH B 2 .  ? -7.128  0.244  1.849  0.50 8.65  ? 2001 HOH A O   1 
HETATM 116 O O   . HOH B 2 .  ? -10.126 -1.933 1.039  0.50 9.40  ? 2002 HOH A O   1 
HETATM 117 O O   . HOH B 2 .  ? -2.016  3.186  5.368  1.00 23.36 ? 2003 HOH A O   1 
HETATM 118 O O   . HOH B 2 .  ? -5.313  -1.016 -0.138 1.00 6.44  ? 2004 HOH A O   1 
# 
loop_
_atom_site_anisotrop.id 
_atom_site_anisotrop.type_symbol 
_atom_site_anisotrop.pdbx_label_atom_id 
_atom_site_anisotrop.pdbx_label_alt_id 
_atom_site_anisotrop.pdbx_label_comp_id 
_atom_site_anisotrop.pdbx_label_asym_id 
_atom_site_anisotrop.pdbx_label_seq_id 
_atom_site_anisotrop.pdbx_PDB_ins_code 
_atom_site_anisotrop.U[1][1] 
_atom_site_anisotrop.U[2][2] 
_atom_site_anisotrop.U[3][3] 
_atom_site_anisotrop.U[1][2] 
_atom_site_anisotrop.U[1][3] 
_atom_site_anisotrop.U[2][3] 
_atom_site_anisotrop.pdbx_auth_seq_id 
_atom_site_anisotrop.pdbx_auth_comp_id 
_atom_site_anisotrop.pdbx_auth_asym_id 
_atom_site_anisotrop.pdbx_auth_atom_id 
1   O O12 . QUA A 1  ? 0.0639 0.0906 0.0618 0.0111  -0.0056 -0.0144 0    QUA A O12 
2   C C11 . QUA A 1  ? 0.0717 0.0722 0.0444 0.0129  0.0023  -0.0015 0    QUA A C11 
3   C C2  . QUA A 1  ? 0.0794 0.0738 0.0524 0.0091  0.0111  -0.0042 0    QUA A C2  
4   N N1  . QUA A 1  ? 0.0713 0.0669 0.0576 0.0086  0.0028  -0.0052 0    QUA A N1  
5   C C3  . QUA A 1  ? 0.0859 0.0651 0.0571 0.0139  0.0136  0.0071  0    QUA A C3  
6   C C9  . QUA A 1  ? 0.0875 0.0614 0.0542 0.0083  0.0204  -0.0048 0    QUA A C9  
7   C C4  . QUA A 1  ? 0.0924 0.0751 0.0719 0.0233  0.0148  0.0109  0    QUA A C4  
8   C C8  . QUA A 1  ? 0.0834 0.0624 0.0669 -0.0071 0.0183  0.0016  0    QUA A C8  
9   C C10 . QUA A 1  ? 0.0913 0.0672 0.0579 0.0135  0.0253  0.0104  0    QUA A C10 
10  O O16 . QUA A 1  ? 0.0768 0.0746 0.0662 -0.0039 0.0172  -0.0099 0    QUA A O16 
11  C C7  . QUA A 1  ? 0.0981 0.0609 0.0988 0.0000  0.0456  -0.0049 0    QUA A C7  
12  C C13 . QUA A 1  ? 0.1040 0.0917 0.0933 0.0413  0.0185  0.0285  0    QUA A C13 
13  O O15 . QUA A 1  ? 0.0981 0.1599 0.2127 0.0530  -0.0057 0.0632  0    QUA A O15 
14  C C5  . QUA A 1  ? 0.1102 0.0693 0.0906 0.0050  0.0532  0.0084  0    QUA A C5  
15  C C14 . QUA A 1  ? 0.2415 0.1361 0.1006 0.0652  0.0280  0.0506  0    QUA A C14 
16  C C6  . QUA A 1  ? 0.1215 0.0612 0.0733 0.0094  0.0414  0.0023  0    QUA A C6  
17  N N   . ILE A 2  ? 0.0846 0.0711 0.0778 -0.0054 0.0186  -0.0063 1    ILE A N   
18  C CA  . ILE A 2  ? 0.0716 0.0693 0.1004 -0.0045 0.0258  -0.0181 1    ILE A CA  
19  C C   . ILE A 2  ? 0.0652 0.0660 0.0917 -0.0014 0.0113  -0.0129 1    ILE A C   
20  O O   . ILE A 2  ? 0.0663 0.0780 0.1305 0.0006  -0.0033 -0.0268 1    ILE A O   
21  C CB  . ILE A 2  ? 0.0789 0.0963 0.1170 -0.0134 0.0131  -0.0018 1    ILE A CB  
22  C CG1 . ILE A 2  ? 0.1195 0.1733 0.1145 -0.0090 0.0157  0.0243  1    ILE A CG1 
23  C CG2 . ILE A 2  ? 0.1062 0.0608 0.1611 -0.0177 -0.0115 -0.0035 1    ILE A CG2 
24  C CD1 . ILE A 2  ? 0.2465 0.3104 0.2084 0.0097  0.1336  0.0228  1    ILE A CD1 
25  N N   . ALA A 3  ? 0.0669 0.0814 0.0905 -0.0025 0.0172  -0.0213 2    ALA A N   
26  C CA  . ALA A 3  ? 0.0524 0.0937 0.1290 -0.0018 0.0011  -0.0413 2    ALA A CA  
27  C C   . ALA A 3  ? 0.0657 0.0876 0.0795 0.0090  0.0111  -0.0051 2    ALA A C   
28  O O   . ALA A 3  ? 0.0755 0.0901 0.1028 0.0148  0.0147  0.0022  2    ALA A O   
29  C CB  . ALA A 3  ? 0.0656 0.1528 0.1623 -0.0050 0.0104  -0.0911 2    ALA A CB  
30  N N   . DHA A 4  ? 0.0482 0.1030 0.0806 -0.0010 0.0039  -0.0179 3    DHA A N   
31  C CA  . DHA A 4  ? 0.0678 0.1067 0.0568 0.0026  -0.0047 -0.0145 3    DHA A CA  
32  C CB  . DHA A 4  ? 0.0847 0.1106 0.0584 0.0251  -0.0125 -0.0161 3    DHA A CB  
33  C C   . DHA A 4  ? 0.0574 0.0983 0.0566 0.0007  -0.0028 -0.0230 3    DHA A C   
34  O O   . DHA A 4  ? 0.0681 0.0943 0.0809 0.0072  -0.0084 -0.0193 3    DHA A O   
35  N N   . ALA A 5  ? 0.0626 0.1081 0.0601 0.0015  -0.0012 -0.0044 4    ALA A N   
36  C CA  . ALA A 5  ? 0.0669 0.1126 0.0575 -0.0104 0.0094  -0.0080 4    ALA A CA  
37  C C   . ALA A 5  ? 0.0642 0.1181 0.0724 -0.0019 0.0021  0.0021  4    ALA A C   
38  O O   . ALA A 5  ? 0.0662 0.1754 0.0708 0.0271  0.0006  0.0036  4    ALA A O   
39  C CB  . ALA A 5  ? 0.0739 0.1304 0.0706 -0.0136 0.0029  -0.0064 4    ALA A CB  
40  N N   . SER A 6  ? 0.0629 0.1119 0.0635 0.0058  0.0109  -0.0112 5    SER A N   
41  C CA  . SER A 6  ? 0.0658 0.1002 0.0688 0.0069  0.0079  -0.0126 5    SER A CA  
42  C C   . SER A 6  ? 0.0954 0.0939 0.0771 0.0187  -0.0081 -0.0033 5    SER A C   
43  C CB  . SER A 6  ? 0.0556 0.1272 0.0867 0.0083  0.0110  -0.0147 5    SER A CB  
44  N N   . BB9 A 7  ? 0.0709 0.0923 0.0668 0.0128  0.0160  0.0003  6    BB9 A N   
45  C CA  . BB9 A 7  ? 0.0989 0.0882 0.0729 0.0130  0.0062  -0.0010 6    BB9 A CA  
46  C C   . BB9 A 7  ? 0.1067 0.0772 0.0651 0.0080  0.0221  0.0102  6    BB9 A C   
47  O O   . BB9 A 7  ? 0.1143 0.0765 0.1093 0.0144  0.0165  0.0117  6    BB9 A O   
48  C CB  . BB9 A 7  ? 0.1416 0.1054 0.1647 0.0316  -0.0523 0.0024  6    BB9 A CB  
49  S SG  . BB9 A 7  ? 0.1593 0.1244 0.1471 0.0174  -0.0707 0.0209  6    BB9 A SG  
50  N N   . THR A 8  ? 0.0728 0.0815 0.0742 0.0077  0.0153  -0.0042 7    THR A N   
51  C CA  . THR A 8  ? 0.0865 0.0770 0.0665 0.0007  0.0150  -0.0017 7    THR A CA  
52  C C   . THR A 8  ? 0.0892 0.0630 0.0689 -0.0015 0.0250  -0.0131 7    THR A C   
53  O O   . THR A 8  ? 0.1152 0.1110 0.0770 -0.0278 0.0148  -0.0108 7    THR A O   
54  C CB  . THR A 8  ? 0.0858 0.0535 0.0701 -0.0072 0.0173  -0.0132 7    THR A CB  
55  O OG1 . THR A 8  ? 0.0909 0.0603 0.0788 -0.0022 0.0114  -0.0087 7    THR A OG1 
56  C CG2 . THR A 8  ? 0.0938 0.0607 0.0857 0.0014  0.0180  -0.0015 7    THR A CG2 
57  N N   . DBU A 9  ? 0.1200 0.0655 0.0709 -0.0039 0.0208  -0.0153 8    DBU A N   
58  C CA  . DBU A 9  ? 0.1265 0.0794 0.0720 -0.0174 0.0202  -0.0104 8    DBU A CA  
59  C CB  . DBU A 9  ? 0.1493 0.1476 0.0808 -0.0493 0.0382  -0.0215 8    DBU A CB  
60  C CG  . DBU A 9  ? 0.1342 0.1945 0.1114 -0.0223 0.0632  -0.0362 8    DBU A CG  
61  C C   . DBU A 9  ? 0.1464 0.0691 0.0714 -0.0187 0.0101  -0.0218 8    DBU A C   
62  N N   . DCY A 10 ? 0.1370 0.0711 0.0704 0.0048  0.0048  -0.0111 9    DCY A N   
63  C CA  . DCY A 10 ? 0.1531 0.0949 0.0953 0.0133  -0.0115 -0.0200 9    DCY A CA  
64  C C   . DCY A 10 ? 0.1129 0.1431 0.0887 0.0034  -0.0218 -0.0145 9    DCY A C   
65  O O   . DCY A 10 ? 0.2383 0.3338 0.1019 0.1471  -0.0639 -0.0643 9    DCY A O   
66  C CB  . DCY A 10 ? 0.2253 0.2009 0.0615 0.0441  -0.0139 -0.0210 9    DCY A CB  
67  S SG  . DCY A 10 ? 0.2006 0.1131 0.0672 -0.0123 0.0066  -0.0058 9    DCY A SG  
68  N N   . TS9 A 11 ? 0.1093 0.0754 0.0815 0.0167  -0.0093 -0.0110 10   TS9 A N   
69  C CA  . TS9 A 11 ? 0.0909 0.0697 0.0950 0.0058  -0.0167 -0.0103 10   TS9 A CA  
70  C C   . TS9 A 11 ? 0.0811 0.0690 0.0852 0.0081  -0.0078 -0.0108 10   TS9 A C   
71  C CB  . TS9 A 11 ? 0.0690 0.0682 0.1119 0.0032  -0.0075 -0.0121 10   TS9 A CB  
72  O OG3 . TS9 A 11 ? 0.0767 0.0627 0.0952 0.0012  -0.0044 -0.0071 10   TS9 A OG3 
73  C CG2 . TS9 A 11 ? 0.0837 0.0866 0.1304 0.0080  -0.0006 -0.0137 10   TS9 A CG2 
74  C CG1 . TS9 A 11 ? 0.1001 0.0747 0.1690 -0.0148 -0.0298 -0.0032 10   TS9 A CG1 
75  O OD2 . TS9 A 11 ? 0.1587 0.1604 0.2406 -0.0607 -0.1187 0.0358  10   TS9 A OD2 
76  C CD1 . TS9 A 11 ? 0.1298 0.0721 0.1922 -0.0054 0.0025  0.0043  10   TS9 A CD1 
77  N N   . BB9 A 12 ? 0.0740 0.0557 0.0645 0.0109  -0.0106 0.0021  11   BB9 A N   
78  C CA  . BB9 A 12 ? 0.0803 0.0576 0.0779 0.0019  0.0016  -0.0015 11   BB9 A CA  
79  C C   . BB9 A 12 ? 0.0840 0.0594 0.0686 0.0045  -0.0032 -0.0027 11   BB9 A C   
80  O O   . BB9 A 12 ? 0.0971 0.0564 0.1003 0.0004  -0.0171 -0.0004 11   BB9 A O   
81  C CB  . BB9 A 12 ? 0.1139 0.0746 0.0873 0.0211  -0.0220 0.0056  11   BB9 A CB  
82  S SG  . BB9 A 12 ? 0.1306 0.0806 0.1202 0.0166  -0.0516 0.0047  11   BB9 A SG  
83  N N   . THR A 13 ? 0.0769 0.0688 0.0686 0.0063  -0.0040 -0.0011 12   THR A N   
84  C CA  . THR A 13 ? 0.0745 0.0532 0.0728 -0.0068 -0.0072 -0.0045 12   THR A CA  
85  C C   . THR A 13 ? 0.0804 0.0494 0.0705 -0.0006 -0.0033 0.0016  12   THR A C   
86  C CB  . THR A 13 ? 0.0800 0.0599 0.0715 0.0169  -0.0033 -0.0072 12   THR A CB  
87  O OG1 . THR A 13 ? 0.0692 0.0595 0.0666 0.0066  -0.0038 -0.0099 12   THR A OG1 
88  C CG2 . THR A 13 ? 0.0804 0.0715 0.0801 0.0141  0.0038  -0.0108 12   THR A CG2 
89  N N   . BB9 A 14 ? 0.0799 0.0663 0.0666 0.0060  -0.0009 -0.0022 13   BB9 A N   
90  C CA  . BB9 A 14 ? 0.0816 0.0678 0.0677 0.0045  0.0070  -0.0011 13   BB9 A CA  
91  C C   . BB9 A 14 ? 0.0836 0.0928 0.0659 0.0032  0.0149  -0.0058 13   BB9 A C   
92  C CB  . BB9 A 14 ? 0.0911 0.0683 0.0647 0.0010  0.0096  0.0034  13   BB9 A CB  
93  S SG  . BB9 A 14 ? 0.0999 0.0635 0.0668 -0.0030 -0.0029 0.0002  13   BB9 A SG  
94  N N   . MH6 A 15 ? 0.0790 0.0962 0.0961 -0.0026 0.0226  -0.0097 14   MH6 A N   
95  C CA  . MH6 A 15 ? 0.0617 0.1097 0.1136 -0.0067 0.0266  -0.0236 14   MH6 A CA  
96  C C   . MH6 A 15 ? 0.0632 0.1256 0.1770 -0.0269 0.0231  -0.0344 14   MH6 A C   
97  C CB  . MH6 A 15 ? 0.0605 0.1447 0.1200 -0.0022 0.0024  -0.0290 14   MH6 A CB  
98  N N   . BB9 A 16 ? 0.0724 0.1444 0.1943 -0.0391 0.0482  -0.0675 15   BB9 A N   
99  C CA  . BB9 A 16 ? 0.1127 0.1353 0.2309 -0.0263 0.0345  -0.0714 15   BB9 A CA  
100 C C   . BB9 A 16 ? 0.0881 0.1214 0.2732 -0.0182 0.0328  -0.0805 15   BB9 A C   
101 O O   . BB9 A 16 ? 0.1597 0.1376 0.3042 -0.0180 -0.0118 -0.0967 15   BB9 A O   
102 C CB  . BB9 A 16 ? 0.1009 0.1295 0.3131 -0.0250 0.0073  -0.0501 15   BB9 A CB  
103 S SG  . BB9 A 16 ? 0.1050 0.1034 0.3893 0.0051  -0.0539 -0.0385 15   BB9 A SG  
104 N N   . DHA A 17 ? 0.0955 0.1744 0.2191 -0.0400 0.0384  -0.0639 16   DHA A N   
105 C CA  . DHA A 17 ? 0.1131 0.2345 0.2104 -0.0464 0.0363  -0.0848 16   DHA A CA  
106 C CB  . DHA A 17 ? 0.1230 0.3679 0.5670 0.0257  -0.0321 -0.3406 16   DHA A CB  
107 C C   . DHA A 17 ? 0.1135 0.2418 0.2017 -0.0862 0.0126  -0.0282 16   DHA A C   
108 O O   . DHA A 17 ? 0.1470 0.2127 0.1714 -0.0460 0.0322  -0.0037 16   DHA A O   
109 N N   . DHA A 18 ? 0.2241 0.2627 0.2922 -0.0594 -0.0857 -0.0552 17   DHA A N   
110 C CA  . DHA A 18 ? 0.1932 0.2590 0.1714 -0.0369 0.0019  -0.0426 17   DHA A CA  
111 C CB  . DHA A 18 ? 0.2097 0.2329 0.1860 -0.0892 0.0116  -0.0097 17   DHA A CB  
112 C C   . DHA A 18 ? 0.2089 0.1447 0.0930 0.0121  -0.0178 0.0161  17   DHA A C   
113 O O   . DHA A 18 ? 0.2532 0.2139 0.3210 0.1279  -0.2156 -0.1188 17   DHA A O   
114 N N   . NH2 A 19 ? 0.2102 0.1167 0.2403 0.0258  -0.0461 -0.0210 18   NH2 A N   
115 O O   . HOH B .  ? 0.0591 0.0786 0.1909 -0.0049 -0.0033 -0.0462 2001 HOH A O   
116 O O   . HOH B .  ? 0.0844 0.0858 0.1867 -0.0024 -0.0195 -0.0138 2002 HOH A O   
117 O O   . HOH B .  ? 0.1914 0.2974 0.3990 0.0832  -0.0978 0.0589  2003 HOH A O   
118 O O   . HOH B .  ? 0.0839 0.0699 0.0909 -0.0070 -0.0134 -0.0116 2004 HOH A O   
# 
